data_4CU5
#
_entry.id   4CU5
#
_cell.length_a   75.301
_cell.length_b   82.069
_cell.length_c   83.836
_cell.angle_alpha   90.00
_cell.angle_beta   90.00
_cell.angle_gamma   90.00
#
_symmetry.space_group_name_H-M   'P 21 21 21'
#
loop_
_entity.id
_entity.type
_entity.pdbx_description
1 polymer ENDOLYSIN
2 water water
#
_entity_poly.entity_id   1
_entity_poly.type   'polypeptide(L)'
_entity_poly.pdbx_seq_one_letter_code
;MYKHTIVYDGEVDKISATVVGWGYNDGKILICDIKDYVPGQTQNLYVVGGGACEKISSITKEKFIMIKGNDRFDTLYKAL
DFINR
;
_entity_poly.pdbx_strand_id   A,B,C,D,E,F
#
# COMPACT_ATOMS: atom_id res chain seq x y z
N MET A 1 -10.51 20.22 -0.74
CA MET A 1 -9.14 19.66 -0.89
C MET A 1 -8.40 19.76 0.46
N TYR A 2 -7.65 18.72 0.81
CA TYR A 2 -6.94 18.69 2.08
C TYR A 2 -5.80 19.67 2.05
N LYS A 3 -5.63 20.39 3.14
CA LYS A 3 -4.49 21.24 3.28
C LYS A 3 -3.24 20.40 3.54
N HIS A 4 -3.37 19.35 4.33
CA HIS A 4 -2.24 18.47 4.67
C HIS A 4 -2.69 17.07 4.65
N THR A 5 -1.92 16.22 4.00
CA THR A 5 -2.12 14.77 4.04
C THR A 5 -0.85 14.12 4.54
N ILE A 6 -1.03 13.21 5.48
CA ILE A 6 0.06 12.49 6.07
C ILE A 6 -0.17 11.02 5.82
N VAL A 7 0.81 10.37 5.21
CA VAL A 7 0.69 8.99 4.83
C VAL A 7 1.68 8.16 5.59
N TYR A 8 1.27 6.93 5.89
CA TYR A 8 2.10 5.99 6.62
C TYR A 8 1.84 4.60 6.12
N ASP A 9 2.73 3.68 6.45
CA ASP A 9 2.50 2.28 6.13
C ASP A 9 2.59 1.49 7.39
N GLY A 10 1.45 1.04 7.89
CA GLY A 10 1.43 0.09 8.99
C GLY A 10 1.02 0.75 10.26
N GLU A 11 0.60 -0.06 11.20
CA GLU A 11 0.14 0.44 12.48
C GLU A 11 1.23 1.07 13.38
N VAL A 12 2.50 0.78 13.13
CA VAL A 12 3.52 1.38 13.97
C VAL A 12 3.82 2.80 13.50
N ASP A 13 3.97 2.98 12.17
CA ASP A 13 4.24 4.34 11.64
C ASP A 13 2.99 5.20 11.67
N LYS A 14 1.84 4.57 11.84
CA LYS A 14 0.60 5.28 12.14
C LYS A 14 0.77 6.21 13.32
N ILE A 15 1.49 5.75 14.34
CA ILE A 15 1.67 6.52 15.57
C ILE A 15 2.44 7.82 15.30
N SER A 16 3.52 7.73 14.56
CA SER A 16 4.30 8.91 14.21
C SER A 16 3.49 9.79 13.28
N ALA A 17 2.74 9.19 12.38
CA ALA A 17 1.94 9.99 11.45
C ALA A 17 0.87 10.82 12.21
N THR A 18 0.34 10.23 13.27
CA THR A 18 -0.65 10.89 14.13
C THR A 18 -0.05 12.08 14.88
N VAL A 19 1.15 11.86 15.36
CA VAL A 19 1.89 12.93 15.95
C VAL A 19 2.16 14.11 15.01
N VAL A 20 2.44 13.85 13.74
CA VAL A 20 2.69 14.91 12.80
C VAL A 20 1.36 15.72 12.70
N GLY A 21 0.23 15.03 12.73
CA GLY A 21 -1.07 15.66 12.64
C GLY A 21 -1.38 16.56 13.80
N TRP A 22 -0.82 16.22 14.96
CA TRP A 22 -0.93 17.08 16.12
C TRP A 22 -0.32 18.44 15.90
N GLY A 23 0.63 18.53 15.00
CA GLY A 23 1.22 19.80 14.67
C GLY A 23 0.42 20.76 13.79
N TYR A 24 -0.73 20.33 13.30
CA TYR A 24 -1.48 21.19 12.35
C TYR A 24 -2.92 21.37 12.77
N ASN A 25 -3.29 22.63 12.97
CA ASN A 25 -4.68 22.96 13.26
C ASN A 25 -5.21 24.10 12.40
N ASP A 26 -4.54 24.36 11.29
CA ASP A 26 -4.84 25.52 10.43
C ASP A 26 -5.77 25.18 9.25
N GLY A 27 -6.27 23.96 9.22
CA GLY A 27 -6.92 23.44 8.01
C GLY A 27 -7.32 22.01 8.09
N LYS A 28 -7.88 21.50 7.00
CA LYS A 28 -8.35 20.14 6.98
C LYS A 28 -7.16 19.20 6.68
N ILE A 29 -7.14 18.11 7.41
CA ILE A 29 -6.01 17.20 7.45
C ILE A 29 -6.50 15.78 7.22
N LEU A 30 -5.77 15.01 6.41
CA LEU A 30 -6.03 13.60 6.33
C LEU A 30 -4.80 12.82 6.75
N ILE A 31 -5.01 11.86 7.64
CA ILE A 31 -3.99 10.88 7.99
C ILE A 31 -4.44 9.54 7.47
N CYS A 32 -3.64 8.94 6.60
CA CYS A 32 -4.07 7.70 6.01
C CYS A 32 -2.97 6.77 5.60
N ASP A 33 -3.32 5.49 5.58
CA ASP A 33 -2.42 4.47 5.17
C ASP A 33 -2.15 4.65 3.70
N ILE A 34 -0.93 4.30 3.31
CA ILE A 34 -0.50 4.50 1.94
C ILE A 34 -1.37 3.75 0.94
N LYS A 35 -1.87 2.57 1.30
CA LYS A 35 -2.82 1.87 0.46
C LYS A 35 -4.08 2.70 0.13
N ASP A 36 -4.49 3.58 1.02
CA ASP A 36 -5.69 4.37 0.79
C ASP A 36 -5.46 5.77 0.24
N TYR A 37 -4.20 6.12 -0.03
CA TYR A 37 -3.86 7.44 -0.52
C TYR A 37 -4.42 7.62 -1.92
N VAL A 38 -5.06 8.78 -2.11
CA VAL A 38 -5.62 9.20 -3.40
C VAL A 38 -4.90 10.46 -3.90
N PRO A 39 -4.10 10.36 -4.99
CA PRO A 39 -3.29 11.52 -5.36
C PRO A 39 -4.13 12.68 -5.87
N GLY A 40 -3.57 13.89 -5.81
CA GLY A 40 -4.22 15.06 -6.41
C GLY A 40 -5.21 15.80 -5.53
N GLN A 41 -5.34 15.46 -4.25
CA GLN A 41 -6.32 16.18 -3.44
C GLN A 41 -5.77 16.78 -2.18
N THR A 42 -4.54 17.27 -2.24
CA THR A 42 -3.87 17.82 -1.06
C THR A 42 -2.88 18.95 -1.43
N GLN A 43 -2.80 20.00 -0.62
CA GLN A 43 -1.84 21.04 -0.86
C GLN A 43 -0.46 20.62 -0.41
N ASN A 44 -0.39 19.83 0.68
CA ASN A 44 0.88 19.34 1.26
C ASN A 44 0.83 17.88 1.60
N LEU A 45 1.88 17.16 1.20
CA LEU A 45 2.00 15.74 1.36
C LEU A 45 3.20 15.38 2.23
N TYR A 46 3.01 14.56 3.24
CA TYR A 46 4.07 14.23 4.16
C TYR A 46 4.00 12.74 4.35
N VAL A 47 5.15 12.10 4.25
CA VAL A 47 5.29 10.71 4.23
C VAL A 47 6.14 10.28 5.42
N VAL A 48 5.51 9.47 6.26
CA VAL A 48 6.06 9.09 7.52
C VAL A 48 6.46 7.60 7.50
N GLY A 49 7.72 7.35 7.82
CA GLY A 49 8.19 5.98 8.00
C GLY A 49 8.80 5.39 6.73
N GLY A 50 9.69 4.44 6.93
CA GLY A 50 10.49 3.88 5.85
C GLY A 50 9.64 3.14 4.86
N GLY A 51 8.67 2.39 5.36
CA GLY A 51 7.73 1.70 4.50
C GLY A 51 7.06 2.59 3.49
N ALA A 52 6.42 3.65 3.96
CA ALA A 52 5.66 4.48 3.02
C ALA A 52 6.60 5.24 2.09
N CYS A 53 7.74 5.65 2.62
CA CYS A 53 8.68 6.46 1.89
C CYS A 53 9.23 5.67 0.69
N GLU A 54 9.30 4.34 0.77
CA GLU A 54 9.73 3.54 -0.40
C GLU A 54 8.64 3.31 -1.47
N LYS A 55 7.36 3.27 -1.05
CA LYS A 55 6.23 3.05 -1.98
C LYS A 55 5.65 4.32 -2.63
N ILE A 56 5.79 5.46 -1.99
CA ILE A 56 5.06 6.67 -2.40
C ILE A 56 5.35 7.21 -3.82
N SER A 57 6.61 7.17 -4.26
CA SER A 57 6.98 7.69 -5.58
C SER A 57 6.36 6.86 -6.72
N SER A 58 6.10 5.58 -6.49
CA SER A 58 5.42 4.76 -7.47
C SER A 58 3.90 4.93 -7.45
N ILE A 59 3.40 5.76 -6.55
CA ILE A 59 1.96 5.95 -6.38
C ILE A 59 1.54 7.33 -6.87
N THR A 60 2.39 8.31 -6.66
CA THR A 60 2.09 9.65 -7.07
C THR A 60 3.32 10.29 -7.65
N LYS A 61 3.10 11.31 -8.45
CA LYS A 61 4.19 12.15 -8.89
C LYS A 61 4.27 13.49 -8.11
N GLU A 62 3.46 13.67 -7.06
CA GLU A 62 3.47 14.89 -6.24
C GLU A 62 4.73 14.98 -5.42
N LYS A 63 5.14 16.22 -5.14
CA LYS A 63 6.21 16.47 -4.20
C LYS A 63 5.74 16.19 -2.77
N PHE A 64 6.67 15.76 -1.94
CA PHE A 64 6.38 15.43 -0.57
C PHE A 64 7.61 15.59 0.30
N ILE A 65 7.37 15.63 1.60
CA ILE A 65 8.45 15.66 2.58
C ILE A 65 8.46 14.31 3.27
N MET A 66 9.66 13.77 3.44
CA MET A 66 9.89 12.49 4.10
C MET A 66 10.23 12.62 5.53
N ILE A 67 9.57 11.84 6.37
CA ILE A 67 9.83 11.85 7.79
C ILE A 67 10.11 10.41 8.14
N LYS A 68 11.37 10.05 8.22
CA LYS A 68 11.68 8.66 8.44
C LYS A 68 13.01 8.55 9.16
N GLY A 69 13.07 7.57 10.05
CA GLY A 69 14.28 7.23 10.74
C GLY A 69 14.59 5.76 10.60
N ASN A 70 15.67 5.33 11.25
CA ASN A 70 16.14 3.96 11.17
C ASN A 70 15.23 2.98 11.91
N ASP A 71 14.69 3.38 13.06
CA ASP A 71 13.67 2.59 13.75
C ASP A 71 12.47 3.45 14.15
N ARG A 72 11.46 2.82 14.74
CA ARG A 72 10.22 3.51 15.06
C ARG A 72 10.38 4.68 16.01
N PHE A 73 11.36 4.58 16.89
CA PHE A 73 11.63 5.64 17.82
C PHE A 73 12.26 6.80 17.16
N ASP A 74 13.27 6.52 16.33
CA ASP A 74 13.89 7.58 15.55
C ASP A 74 12.80 8.24 14.70
N THR A 75 11.93 7.46 14.06
CA THR A 75 10.90 8.08 13.25
C THR A 75 10.04 8.99 14.13
N LEU A 76 9.76 8.56 15.34
CA LEU A 76 8.87 9.34 16.18
C LEU A 76 9.55 10.67 16.58
N TYR A 77 10.84 10.66 16.92
CA TYR A 77 11.53 11.88 17.24
C TYR A 77 11.58 12.81 16.07
N LYS A 78 11.73 12.29 14.89
CA LYS A 78 11.76 13.11 13.70
C LYS A 78 10.39 13.72 13.47
N ALA A 79 9.33 13.00 13.82
CA ALA A 79 7.99 13.56 13.75
C ALA A 79 7.81 14.73 14.68
N LEU A 80 8.20 14.56 15.91
CA LEU A 80 8.25 15.66 16.85
C LEU A 80 9.10 16.84 16.38
N ASP A 81 10.29 16.57 15.88
CA ASP A 81 11.12 17.65 15.35
C ASP A 81 10.49 18.37 14.13
N PHE A 82 9.84 17.65 13.26
CA PHE A 82 9.22 18.24 12.09
C PHE A 82 8.13 19.28 12.44
N ILE A 83 7.42 19.06 13.54
CA ILE A 83 6.43 20.04 14.02
C ILE A 83 6.95 20.97 15.14
N ASN A 84 8.26 21.03 15.31
CA ASN A 84 8.89 21.89 16.30
C ASN A 84 8.52 21.63 17.69
N ARG A 85 8.19 20.39 18.00
CA ARG A 85 7.87 20.03 19.37
C ARG A 85 8.96 19.12 19.93
N MET B 1 -16.05 11.41 -2.05
CA MET B 1 -16.23 12.89 -1.84
C MET B 1 -17.38 13.44 -2.70
N TYR B 2 -17.25 13.42 -4.03
CA TYR B 2 -18.37 13.84 -4.85
C TYR B 2 -19.23 12.63 -5.19
N LYS B 3 -20.51 12.83 -5.23
CA LYS B 3 -21.40 11.74 -5.59
C LYS B 3 -21.41 11.58 -7.09
N HIS B 4 -21.43 12.71 -7.80
CA HIS B 4 -21.48 12.73 -9.25
C HIS B 4 -20.46 13.71 -9.77
N THR B 5 -19.62 13.26 -10.69
CA THR B 5 -18.80 14.12 -11.49
C THR B 5 -19.16 14.03 -12.94
N ILE B 6 -19.27 15.19 -13.58
CA ILE B 6 -19.64 15.26 -14.97
C ILE B 6 -18.52 15.98 -15.67
N VAL B 7 -17.89 15.31 -16.63
CA VAL B 7 -16.76 15.80 -17.32
C VAL B 7 -17.12 16.11 -18.82
N TYR B 8 -16.48 17.12 -19.38
CA TYR B 8 -16.71 17.54 -20.75
C TYR B 8 -15.42 18.12 -21.28
N ASP B 9 -15.34 18.22 -22.59
CA ASP B 9 -14.22 18.88 -23.25
C ASP B 9 -14.72 19.96 -24.19
N GLY B 10 -14.43 21.21 -23.84
CA GLY B 10 -14.79 22.37 -24.67
C GLY B 10 -16.06 23.08 -24.19
N GLU B 11 -16.26 24.26 -24.75
CA GLU B 11 -17.35 25.13 -24.36
C GLU B 11 -18.70 24.64 -24.90
N VAL B 12 -18.71 23.94 -26.00
CA VAL B 12 -19.96 23.37 -26.51
C VAL B 12 -20.52 22.20 -25.66
N ASP B 13 -19.67 21.20 -25.38
CA ASP B 13 -20.10 20.08 -24.59
C ASP B 13 -20.34 20.46 -23.13
N LYS B 14 -19.75 21.56 -22.67
CA LYS B 14 -20.11 22.14 -21.37
C LYS B 14 -21.59 22.38 -21.22
N ILE B 15 -22.26 22.73 -22.31
CA ILE B 15 -23.66 23.02 -22.25
C ILE B 15 -24.42 21.78 -21.86
N SER B 16 -24.24 20.70 -22.61
CA SER B 16 -24.86 19.42 -22.25
C SER B 16 -24.45 18.93 -20.89
N ALA B 17 -23.20 19.16 -20.51
CA ALA B 17 -22.72 18.69 -19.20
C ALA B 17 -23.47 19.36 -18.09
N THR B 18 -23.73 20.64 -18.30
CA THR B 18 -24.47 21.49 -17.37
C THR B 18 -25.93 21.03 -17.26
N VAL B 19 -26.56 20.72 -18.39
CA VAL B 19 -27.88 20.03 -18.39
C VAL B 19 -27.90 18.65 -17.66
N VAL B 20 -26.86 17.84 -17.79
CA VAL B 20 -26.79 16.63 -17.00
C VAL B 20 -26.84 16.99 -15.50
N GLY B 21 -26.12 18.04 -15.14
CA GLY B 21 -26.04 18.50 -13.79
C GLY B 21 -27.37 18.92 -13.23
N TRP B 22 -28.21 19.50 -14.07
CA TRP B 22 -29.58 19.86 -13.67
C TRP B 22 -30.47 18.70 -13.23
N GLY B 23 -30.11 17.47 -13.58
CA GLY B 23 -30.93 16.31 -13.25
C GLY B 23 -30.60 15.63 -11.94
N TYR B 24 -29.74 16.24 -11.12
CA TYR B 24 -29.28 15.63 -9.89
C TYR B 24 -29.37 16.62 -8.75
N ASN B 25 -29.93 16.17 -7.64
CA ASN B 25 -30.04 16.96 -6.42
C ASN B 25 -29.79 16.11 -5.18
N ASP B 26 -29.09 15.00 -5.33
CA ASP B 26 -29.05 13.99 -4.25
C ASP B 26 -27.66 13.85 -3.73
N GLY B 27 -26.84 14.86 -3.94
CA GLY B 27 -25.49 14.84 -3.40
C GLY B 27 -24.65 15.94 -3.96
N LYS B 28 -23.40 15.97 -3.52
CA LYS B 28 -22.39 16.86 -4.09
C LYS B 28 -22.07 16.53 -5.56
N ILE B 29 -22.09 17.53 -6.43
CA ILE B 29 -21.86 17.34 -7.84
C ILE B 29 -20.76 18.24 -8.33
N LEU B 30 -19.86 17.67 -9.13
CA LEU B 30 -18.86 18.46 -9.83
C LEU B 30 -19.02 18.38 -11.34
N ILE B 31 -19.13 19.53 -12.00
CA ILE B 31 -19.07 19.60 -13.44
C ILE B 31 -17.76 20.24 -13.84
N CYS B 32 -16.88 19.55 -14.56
CA CYS B 32 -15.60 20.17 -14.88
C CYS B 32 -15.02 19.75 -16.20
N ASP B 33 -14.19 20.61 -16.79
CA ASP B 33 -13.52 20.32 -18.03
C ASP B 33 -12.57 19.20 -17.75
N ILE B 34 -12.36 18.37 -18.76
CA ILE B 34 -11.56 17.19 -18.61
C ILE B 34 -10.15 17.56 -18.18
N LYS B 35 -9.65 18.68 -18.67
CA LYS B 35 -8.30 19.06 -18.34
C LYS B 35 -8.13 19.26 -16.84
N ASP B 36 -9.23 19.50 -16.12
CA ASP B 36 -9.19 19.72 -14.69
C ASP B 36 -9.70 18.56 -13.86
N TYR B 37 -9.87 17.41 -14.47
CA TYR B 37 -10.44 16.27 -13.77
C TYR B 37 -9.37 15.62 -12.91
N VAL B 38 -9.71 15.37 -11.65
CA VAL B 38 -8.83 14.71 -10.70
C VAL B 38 -9.45 13.36 -10.42
N PRO B 39 -8.82 12.29 -10.87
CA PRO B 39 -9.40 10.99 -10.61
C PRO B 39 -9.46 10.60 -9.15
N GLY B 40 -10.35 9.68 -8.86
CA GLY B 40 -10.40 9.03 -7.57
C GLY B 40 -11.24 9.68 -6.49
N GLN B 41 -12.02 10.72 -6.83
CA GLN B 41 -12.78 11.47 -5.79
C GLN B 41 -14.29 11.64 -6.08
N THR B 42 -14.86 10.63 -6.70
CA THR B 42 -16.24 10.66 -7.09
C THR B 42 -16.83 9.27 -7.06
N GLN B 43 -18.06 9.14 -6.60
CA GLN B 43 -18.76 7.85 -6.66
C GLN B 43 -19.21 7.53 -8.10
N ASN B 44 -19.66 8.53 -8.86
CA ASN B 44 -20.07 8.30 -10.25
C ASN B 44 -19.42 9.27 -11.20
N LEU B 45 -19.06 8.76 -12.37
CA LEU B 45 -18.35 9.53 -13.37
C LEU B 45 -19.16 9.53 -14.66
N TYR B 46 -19.43 10.70 -15.20
CA TYR B 46 -20.23 10.81 -16.44
C TYR B 46 -19.44 11.63 -17.39
N VAL B 47 -19.30 11.16 -18.62
CA VAL B 47 -18.43 11.79 -19.58
C VAL B 47 -19.31 12.21 -20.72
N VAL B 48 -19.28 13.49 -21.02
CA VAL B 48 -20.22 14.07 -21.93
C VAL B 48 -19.49 14.59 -23.16
N GLY B 49 -19.99 14.21 -24.31
CA GLY B 49 -19.46 14.71 -25.57
C GLY B 49 -18.41 13.76 -26.12
N GLY B 50 -18.25 13.80 -27.43
CA GLY B 50 -17.27 12.94 -28.10
C GLY B 50 -15.85 13.22 -27.64
N GLY B 51 -15.50 14.49 -27.42
CA GLY B 51 -14.15 14.87 -27.07
C GLY B 51 -13.77 14.21 -25.76
N ALA B 52 -14.54 14.47 -24.72
CA ALA B 52 -14.19 13.97 -23.44
C ALA B 52 -14.14 12.45 -23.44
N CYS B 53 -15.06 11.83 -24.18
CA CYS B 53 -15.19 10.39 -24.26
C CYS B 53 -13.99 9.71 -24.95
N GLU B 54 -13.36 10.36 -25.93
CA GLU B 54 -12.12 9.81 -26.45
C GLU B 54 -10.93 9.98 -25.48
N LYS B 55 -10.88 11.10 -24.74
CA LYS B 55 -9.73 11.41 -23.87
C LYS B 55 -9.73 10.75 -22.47
N ILE B 56 -10.87 10.22 -22.05
CA ILE B 56 -11.05 9.94 -20.61
C ILE B 56 -10.31 8.67 -20.16
N SER B 57 -10.31 7.64 -21.00
CA SER B 57 -9.64 6.38 -20.67
C SER B 57 -8.14 6.56 -20.43
N SER B 58 -7.52 7.48 -21.15
CA SER B 58 -6.11 7.79 -20.96
C SER B 58 -5.81 8.68 -19.74
N ILE B 59 -6.83 9.06 -18.99
CA ILE B 59 -6.66 9.87 -17.81
C ILE B 59 -7.03 9.09 -16.56
N THR B 60 -7.95 8.14 -16.65
CA THR B 60 -8.44 7.45 -15.46
C THR B 60 -8.79 6.07 -15.87
N LYS B 61 -8.83 5.19 -14.88
CA LYS B 61 -9.30 3.83 -15.10
C LYS B 61 -10.62 3.62 -14.38
N GLU B 62 -11.23 4.69 -13.84
CA GLU B 62 -12.57 4.55 -13.27
C GLU B 62 -13.60 4.12 -14.34
N LYS B 63 -14.61 3.44 -13.85
CA LYS B 63 -15.77 3.14 -14.66
C LYS B 63 -16.52 4.45 -14.90
N PHE B 64 -17.11 4.61 -16.06
CA PHE B 64 -17.86 5.82 -16.37
C PHE B 64 -18.98 5.53 -17.37
N ILE B 65 -19.93 6.45 -17.44
CA ILE B 65 -21.05 6.36 -18.35
C ILE B 65 -20.82 7.43 -19.40
N MET B 66 -20.87 7.03 -20.66
CA MET B 66 -20.76 7.97 -21.80
C MET B 66 -22.09 8.55 -22.20
N ILE B 67 -22.13 9.87 -22.40
CA ILE B 67 -23.28 10.61 -22.90
C ILE B 67 -22.81 11.39 -24.10
N LYS B 68 -23.05 10.84 -25.26
CA LYS B 68 -22.36 11.24 -26.46
C LYS B 68 -23.32 11.03 -27.59
N GLY B 69 -23.37 11.97 -28.51
CA GLY B 69 -24.00 11.71 -29.82
C GLY B 69 -23.10 12.20 -30.94
N ASN B 70 -23.61 12.09 -32.15
CA ASN B 70 -22.91 12.46 -33.38
C ASN B 70 -22.45 13.94 -33.32
N ASP B 71 -23.41 14.84 -33.06
CA ASP B 71 -23.12 16.26 -33.04
C ASP B 71 -23.51 16.84 -31.70
N ARG B 72 -23.41 18.15 -31.56
CA ARG B 72 -23.74 18.78 -30.32
C ARG B 72 -25.20 18.57 -29.88
N PHE B 73 -26.13 18.55 -30.82
CA PHE B 73 -27.54 18.38 -30.51
C PHE B 73 -27.83 16.94 -30.08
N ASP B 74 -27.22 16.00 -30.76
CA ASP B 74 -27.39 14.63 -30.44
C ASP B 74 -26.86 14.34 -29.04
N THR B 75 -25.77 15.02 -28.67
CA THR B 75 -25.28 14.98 -27.35
C THR B 75 -26.23 15.60 -26.33
N LEU B 76 -26.85 16.72 -26.70
CA LEU B 76 -27.79 17.33 -25.78
C LEU B 76 -29.04 16.50 -25.59
N TYR B 77 -29.60 15.98 -26.69
CA TYR B 77 -30.74 15.06 -26.53
C TYR B 77 -30.40 13.86 -25.65
N LYS B 78 -29.20 13.31 -25.77
CA LYS B 78 -28.81 12.13 -25.01
C LYS B 78 -28.68 12.46 -23.53
N ALA B 79 -28.20 13.67 -23.24
CA ALA B 79 -28.11 14.19 -21.91
C ALA B 79 -29.48 14.35 -21.28
N LEU B 80 -30.42 14.96 -22.01
CA LEU B 80 -31.78 15.07 -21.49
C LEU B 80 -32.35 13.70 -21.22
N ASP B 81 -32.15 12.78 -22.14
CA ASP B 81 -32.63 11.39 -21.95
C ASP B 81 -32.02 10.75 -20.69
N PHE B 82 -30.74 10.97 -20.49
CA PHE B 82 -30.04 10.42 -19.40
C PHE B 82 -30.56 10.82 -18.03
N ILE B 83 -31.01 12.06 -17.91
CA ILE B 83 -31.58 12.48 -16.67
C ILE B 83 -33.12 12.37 -16.62
N ASN B 84 -33.73 11.59 -17.52
CA ASN B 84 -35.19 11.35 -17.51
C ASN B 84 -36.02 12.59 -17.69
N ARG B 85 -35.54 13.54 -18.49
CA ARG B 85 -36.30 14.77 -18.75
C ARG B 85 -36.87 14.87 -20.17
N MET C 1 7.83 17.47 -12.99
CA MET C 1 8.65 18.47 -13.73
C MET C 1 8.32 18.45 -15.21
N TYR C 2 8.62 17.33 -15.87
CA TYR C 2 8.23 17.15 -17.28
C TYR C 2 6.86 16.48 -17.43
N LYS C 3 6.01 16.98 -18.33
CA LYS C 3 4.74 16.30 -18.58
C LYS C 3 4.94 14.99 -19.36
N HIS C 4 5.79 15.08 -20.40
CA HIS C 4 6.09 13.99 -21.30
C HIS C 4 7.59 13.83 -21.44
N THR C 5 8.09 12.64 -21.22
CA THR C 5 9.42 12.27 -21.58
C THR C 5 9.45 11.15 -22.59
N ILE C 6 10.16 11.39 -23.69
CA ILE C 6 10.31 10.42 -24.79
C ILE C 6 11.75 9.92 -24.83
N VAL C 7 11.92 8.62 -24.68
CA VAL C 7 13.22 8.02 -24.58
C VAL C 7 13.49 7.19 -25.81
N TYR C 8 14.72 7.19 -26.26
CA TYR C 8 15.14 6.45 -27.43
C TYR C 8 16.56 5.96 -27.21
N ASP C 9 17.01 5.03 -28.04
CA ASP C 9 18.38 4.56 -28.01
C ASP C 9 18.98 4.69 -29.40
N GLY C 10 20.01 5.51 -29.52
CA GLY C 10 20.77 5.62 -30.76
C GLY C 10 20.20 6.65 -31.71
N GLU C 11 20.95 6.91 -32.78
CA GLU C 11 20.77 8.09 -33.62
C GLU C 11 19.69 7.85 -34.67
N VAL C 12 19.36 6.59 -34.88
CA VAL C 12 18.24 6.22 -35.77
C VAL C 12 16.89 6.44 -35.10
N ASP C 13 16.71 5.84 -33.92
CA ASP C 13 15.42 5.93 -33.23
C ASP C 13 15.18 7.33 -32.68
N LYS C 14 16.23 8.12 -32.48
CA LYS C 14 16.11 9.56 -32.15
C LYS C 14 15.12 10.31 -33.07
N ILE C 15 15.13 9.95 -34.34
CA ILE C 15 14.29 10.56 -35.32
C ILE C 15 12.82 10.29 -34.99
N SER C 16 12.46 9.04 -34.81
CA SER C 16 11.08 8.75 -34.49
C SER C 16 10.72 9.38 -33.18
N ALA C 17 11.65 9.37 -32.20
CA ALA C 17 11.33 9.99 -30.90
C ALA C 17 11.04 11.48 -30.98
N THR C 18 11.84 12.18 -31.78
CA THR C 18 11.63 13.59 -32.01
C THR C 18 10.28 13.79 -32.62
N VAL C 19 9.91 12.99 -33.60
CA VAL C 19 8.59 13.11 -34.22
C VAL C 19 7.43 12.90 -33.25
N VAL C 20 7.56 11.93 -32.37
CA VAL C 20 6.52 11.79 -31.33
C VAL C 20 6.40 13.08 -30.57
N GLY C 21 7.56 13.67 -30.24
CA GLY C 21 7.56 14.93 -29.52
C GLY C 21 6.77 16.01 -30.23
N TRP C 22 6.90 16.09 -31.55
CA TRP C 22 6.17 17.06 -32.34
C TRP C 22 4.71 16.97 -32.16
N GLY C 23 4.20 15.87 -31.64
CA GLY C 23 2.75 15.69 -31.57
C GLY C 23 2.16 16.12 -30.26
N TYR C 24 3.01 16.57 -29.34
CA TYR C 24 2.53 17.10 -28.10
C TYR C 24 2.86 18.59 -28.03
N ASN C 25 1.93 19.40 -27.51
CA ASN C 25 2.21 20.84 -27.30
C ASN C 25 1.53 21.38 -26.03
N ASP C 26 1.29 20.50 -25.06
CA ASP C 26 0.47 20.84 -23.89
C ASP C 26 1.27 20.85 -22.59
N GLY C 27 2.58 20.95 -22.66
CA GLY C 27 3.39 21.05 -21.46
C GLY C 27 4.85 20.79 -21.73
N LYS C 28 5.65 20.67 -20.69
CA LYS C 28 7.09 20.44 -20.89
C LYS C 28 7.37 19.04 -21.39
N ILE C 29 8.24 18.95 -22.39
CA ILE C 29 8.56 17.70 -23.06
C ILE C 29 10.06 17.54 -23.22
N LEU C 30 10.60 16.43 -22.76
CA LEU C 30 12.00 16.10 -22.93
C LEU C 30 12.10 14.94 -23.90
N ILE C 31 12.91 15.12 -24.94
CA ILE C 31 13.35 14.02 -25.82
C ILE C 31 14.74 13.65 -25.31
N CYS C 32 15.00 12.42 -24.86
CA CYS C 32 16.39 12.07 -24.47
C CYS C 32 16.84 10.65 -24.73
N ASP C 33 18.15 10.46 -24.83
CA ASP C 33 18.68 9.14 -25.04
C ASP C 33 18.55 8.43 -23.73
N ILE C 34 18.34 7.14 -23.78
CA ILE C 34 18.06 6.36 -22.62
C ILE C 34 19.23 6.44 -21.63
N LYS C 35 20.47 6.47 -22.13
CA LYS C 35 21.65 6.62 -21.27
C LYS C 35 21.60 7.91 -20.41
N ASP C 36 20.84 8.92 -20.83
CA ASP C 36 20.69 10.13 -20.05
C ASP C 36 19.39 10.20 -19.23
N TYR C 37 18.57 9.15 -19.30
CA TYR C 37 17.25 9.22 -18.69
C TYR C 37 17.41 9.21 -17.18
N VAL C 38 16.80 10.19 -16.51
CA VAL C 38 16.76 10.31 -15.04
C VAL C 38 15.37 9.96 -14.59
N PRO C 39 15.19 8.81 -13.93
CA PRO C 39 13.84 8.44 -13.54
C PRO C 39 13.19 9.42 -12.57
N GLY C 40 11.87 9.40 -12.53
CA GLY C 40 11.13 10.02 -11.45
C GLY C 40 10.82 11.47 -11.67
N GLN C 41 10.99 11.99 -12.88
CA GLN C 41 10.72 13.42 -13.07
C GLN C 41 9.83 13.73 -14.26
N THR C 42 8.88 12.83 -14.51
CA THR C 42 8.02 12.93 -15.68
C THR C 42 6.63 12.35 -15.33
N GLN C 43 5.58 12.96 -15.84
CA GLN C 43 4.24 12.43 -15.63
C GLN C 43 4.03 11.22 -16.53
N ASN C 44 4.49 11.36 -17.79
CA ASN C 44 4.35 10.38 -18.82
C ASN C 44 5.66 10.03 -19.45
N LEU C 45 5.85 8.72 -19.64
CA LEU C 45 7.06 8.16 -20.23
C LEU C 45 6.68 7.41 -21.52
N TYR C 46 7.40 7.68 -22.60
CA TYR C 46 7.18 7.01 -23.88
C TYR C 46 8.51 6.45 -24.32
N VAL C 47 8.52 5.21 -24.75
CA VAL C 47 9.76 4.54 -25.09
C VAL C 47 9.68 4.20 -26.55
N VAL C 48 10.65 4.67 -27.36
CA VAL C 48 10.61 4.58 -28.81
C VAL C 48 11.71 3.72 -29.34
N GLY C 49 11.31 2.77 -30.18
CA GLY C 49 12.21 1.87 -30.84
C GLY C 49 12.68 0.68 -30.04
N GLY C 50 13.14 -0.34 -30.77
CA GLY C 50 13.58 -1.60 -30.20
C GLY C 50 14.72 -1.51 -29.19
N GLY C 51 15.64 -0.58 -29.41
CA GLY C 51 16.79 -0.47 -28.53
C GLY C 51 16.42 -0.03 -27.13
N ALA C 52 15.59 0.99 -27.03
CA ALA C 52 15.25 1.56 -25.74
C ALA C 52 14.28 0.60 -25.09
N CYS C 53 13.43 -0.03 -25.88
CA CYS C 53 12.56 -1.06 -25.35
C CYS C 53 13.33 -2.02 -24.44
N GLU C 54 14.44 -2.53 -24.95
CA GLU C 54 15.15 -3.65 -24.31
C GLU C 54 15.84 -3.19 -23.03
N LYS C 55 16.22 -1.92 -22.98
CA LYS C 55 16.94 -1.38 -21.83
C LYS C 55 16.12 -0.69 -20.76
N ILE C 56 14.92 -0.24 -21.08
CA ILE C 56 14.21 0.67 -20.18
C ILE C 56 13.83 0.03 -18.82
N SER C 57 13.41 -1.24 -18.81
CA SER C 57 12.90 -1.85 -17.57
C SER C 57 14.01 -2.08 -16.50
N SER C 58 15.26 -2.23 -16.95
CA SER C 58 16.41 -2.25 -16.03
C SER C 58 16.80 -0.84 -15.53
N ILE C 59 16.20 0.20 -16.09
CA ILE C 59 16.54 1.55 -15.72
C ILE C 59 15.47 2.19 -14.85
N THR C 60 14.22 1.76 -15.01
CA THR C 60 13.16 2.40 -14.25
C THR C 60 12.03 1.43 -13.96
N LYS C 61 11.30 1.73 -12.89
CA LYS C 61 10.10 1.01 -12.52
C LYS C 61 8.80 1.64 -13.07
N GLU C 62 8.94 2.80 -13.71
CA GLU C 62 7.80 3.58 -14.20
C GLU C 62 7.02 2.87 -15.33
N LYS C 63 5.73 3.08 -15.38
CA LYS C 63 4.93 2.62 -16.48
C LYS C 63 5.26 3.50 -17.68
N PHE C 64 5.03 2.95 -18.85
CA PHE C 64 5.31 3.65 -20.08
C PHE C 64 4.46 3.10 -21.18
N ILE C 65 4.46 3.84 -22.27
CA ILE C 65 3.91 3.37 -23.51
C ILE C 65 5.07 3.12 -24.46
N MET C 66 4.91 2.14 -25.32
CA MET C 66 5.97 1.72 -26.21
C MET C 66 5.57 1.95 -27.66
N ILE C 67 6.49 2.45 -28.45
CA ILE C 67 6.28 2.79 -29.87
C ILE C 67 7.44 2.12 -30.63
N LYS C 68 7.16 1.00 -31.25
CA LYS C 68 8.23 0.11 -31.73
C LYS C 68 7.76 -0.61 -32.95
N GLY C 69 8.52 -0.49 -34.03
CA GLY C 69 8.28 -1.28 -35.21
C GLY C 69 9.39 -2.28 -35.46
N ASN C 70 9.30 -2.95 -36.60
CA ASN C 70 10.24 -3.97 -37.04
C ASN C 70 11.54 -3.41 -37.52
N ASP C 71 11.45 -2.29 -38.21
CA ASP C 71 12.61 -1.57 -38.70
C ASP C 71 12.38 -0.09 -38.47
N ARG C 72 13.36 0.70 -38.88
CA ARG C 72 13.31 2.11 -38.63
C ARG C 72 12.09 2.86 -39.22
N PHE C 73 11.64 2.40 -40.37
CA PHE C 73 10.49 2.96 -41.06
C PHE C 73 9.20 2.60 -40.40
N ASP C 74 9.08 1.33 -40.02
CA ASP C 74 7.92 0.86 -39.32
C ASP C 74 7.78 1.63 -37.99
N THR C 75 8.88 1.76 -37.27
CA THR C 75 8.86 2.53 -36.07
C THR C 75 8.42 3.96 -36.37
N LEU C 76 9.01 4.61 -37.38
CA LEU C 76 8.55 5.97 -37.72
C LEU C 76 7.10 6.07 -38.10
N TYR C 77 6.59 5.13 -38.88
CA TYR C 77 5.13 5.17 -39.18
C TYR C 77 4.35 4.98 -37.92
N LYS C 78 4.82 4.17 -36.99
CA LYS C 78 4.06 3.99 -35.76
C LYS C 78 4.08 5.24 -34.92
N ALA C 79 5.19 5.96 -34.93
CA ALA C 79 5.29 7.22 -34.23
C ALA C 79 4.26 8.18 -34.80
N LEU C 80 4.22 8.25 -36.12
CA LEU C 80 3.30 9.12 -36.80
C LEU C 80 1.85 8.75 -36.46
N ASP C 81 1.54 7.47 -36.51
CA ASP C 81 0.23 7.02 -36.10
C ASP C 81 -0.12 7.35 -34.64
N PHE C 82 0.83 7.17 -33.73
CA PHE C 82 0.59 7.44 -32.33
C PHE C 82 0.13 8.86 -32.07
N ILE C 83 0.66 9.79 -32.84
CA ILE C 83 0.27 11.19 -32.67
C ILE C 83 -0.80 11.64 -33.68
N ASN C 84 -1.48 10.70 -34.33
CA ASN C 84 -2.55 10.97 -35.30
C ASN C 84 -2.10 11.78 -36.53
N ARG C 85 -0.85 11.56 -36.91
CA ARG C 85 -0.27 12.19 -38.09
C ARG C 85 0.05 11.14 -39.17
N MET D 1 -12.14 -3.21 -13.66
CA MET D 1 -12.65 -4.58 -13.39
C MET D 1 -11.55 -5.41 -12.72
N TYR D 2 -10.46 -5.67 -13.47
CA TYR D 2 -9.24 -6.26 -12.90
C TYR D 2 -8.34 -5.18 -12.35
N LYS D 3 -7.76 -5.42 -11.20
CA LYS D 3 -6.78 -4.56 -10.67
C LYS D 3 -5.46 -4.73 -11.42
N HIS D 4 -5.09 -5.97 -11.72
CA HIS D 4 -3.80 -6.21 -12.36
C HIS D 4 -4.08 -7.21 -13.42
N THR D 5 -3.55 -6.94 -14.62
CA THR D 5 -3.48 -7.92 -15.69
C THR D 5 -2.04 -8.16 -16.12
N ILE D 6 -1.67 -9.42 -16.14
CA ILE D 6 -0.31 -9.81 -16.45
C ILE D 6 -0.33 -10.64 -17.70
N VAL D 7 0.35 -10.14 -18.72
CA VAL D 7 0.28 -10.69 -20.04
C VAL D 7 1.62 -11.28 -20.45
N TYR D 8 1.55 -12.37 -21.22
CA TYR D 8 2.72 -13.14 -21.63
C TYR D 8 2.47 -13.68 -23.02
N ASP D 9 3.53 -14.06 -23.71
CA ASP D 9 3.41 -14.85 -24.93
C ASP D 9 4.09 -16.21 -24.84
N GLY D 10 3.31 -17.29 -24.91
CA GLY D 10 3.85 -18.66 -24.93
C GLY D 10 3.95 -19.31 -23.55
N GLU D 11 4.04 -20.64 -23.53
CA GLU D 11 3.96 -21.41 -22.26
C GLU D 11 5.14 -21.17 -21.30
N VAL D 12 6.25 -20.65 -21.82
CA VAL D 12 7.44 -20.44 -21.02
C VAL D 12 7.33 -19.19 -20.21
N ASP D 13 6.95 -18.11 -20.87
CA ASP D 13 6.81 -16.86 -20.15
C ASP D 13 5.56 -16.87 -19.23
N LYS D 14 4.58 -17.74 -19.52
CA LYS D 14 3.47 -17.98 -18.59
C LYS D 14 3.95 -18.24 -17.18
N ILE D 15 5.06 -18.95 -17.04
CA ILE D 15 5.56 -19.26 -15.68
C ILE D 15 5.96 -18.00 -14.92
N SER D 16 6.78 -17.17 -15.56
CA SER D 16 7.16 -15.96 -14.93
C SER D 16 5.95 -15.09 -14.67
N ALA D 17 5.02 -15.05 -15.61
CA ALA D 17 3.80 -14.23 -15.44
C ALA D 17 3.02 -14.64 -14.21
N THR D 18 2.96 -15.96 -14.01
CA THR D 18 2.20 -16.52 -12.92
C THR D 18 2.91 -16.19 -11.62
N VAL D 19 4.21 -16.23 -11.65
CA VAL D 19 4.96 -15.82 -10.47
C VAL D 19 4.73 -14.35 -10.10
N VAL D 20 4.67 -13.45 -11.07
CA VAL D 20 4.37 -12.11 -10.77
C VAL D 20 3.00 -12.08 -10.04
N GLY D 21 2.07 -12.89 -10.48
CA GLY D 21 0.75 -12.89 -9.83
C GLY D 21 0.74 -13.37 -8.41
N TRP D 22 1.78 -14.13 -8.02
CA TRP D 22 1.95 -14.56 -6.66
C TRP D 22 2.28 -13.46 -5.69
N GLY D 23 2.78 -12.33 -6.18
CA GLY D 23 3.05 -11.15 -5.35
C GLY D 23 2.00 -10.06 -5.56
N TYR D 24 1.57 -9.85 -6.80
CA TYR D 24 0.60 -8.78 -7.13
C TYR D 24 -0.83 -9.29 -7.06
N ASN D 25 -1.41 -9.30 -5.86
CA ASN D 25 -2.72 -9.88 -5.75
C ASN D 25 -3.62 -9.21 -4.73
N ASP D 26 -3.42 -7.91 -4.48
CA ASP D 26 -4.35 -7.12 -3.65
C ASP D 26 -5.64 -6.79 -4.39
N GLY D 27 -6.26 -7.81 -5.01
CA GLY D 27 -7.47 -7.62 -5.81
C GLY D 27 -7.61 -8.67 -6.89
N LYS D 28 -8.56 -8.45 -7.79
CA LYS D 28 -8.77 -9.33 -8.91
C LYS D 28 -7.63 -9.21 -9.89
N ILE D 29 -7.19 -10.36 -10.42
CA ILE D 29 -6.10 -10.36 -11.39
C ILE D 29 -6.40 -11.28 -12.52
N LEU D 30 -5.78 -10.99 -13.64
CA LEU D 30 -5.87 -11.87 -14.78
C LEU D 30 -4.48 -12.08 -15.32
N ILE D 31 -4.13 -13.34 -15.52
CA ILE D 31 -2.90 -13.74 -16.16
C ILE D 31 -3.34 -14.29 -17.50
N CYS D 32 -2.92 -13.70 -18.61
CA CYS D 32 -3.42 -14.20 -19.88
C CYS D 32 -2.42 -14.03 -21.02
N ASP D 33 -2.51 -14.95 -21.97
CA ASP D 33 -1.69 -14.88 -23.16
C ASP D 33 -2.09 -13.63 -23.92
N ILE D 34 -1.13 -13.05 -24.62
CA ILE D 34 -1.32 -11.80 -25.29
C ILE D 34 -2.39 -11.91 -26.37
N LYS D 35 -2.43 -13.07 -27.00
CA LYS D 35 -3.44 -13.36 -28.01
C LYS D 35 -4.86 -13.19 -27.47
N ASP D 36 -5.03 -13.23 -26.15
CA ASP D 36 -6.37 -13.22 -25.56
C ASP D 36 -6.60 -11.94 -24.78
N TYR D 37 -5.69 -10.99 -24.91
CA TYR D 37 -5.78 -9.77 -24.12
C TYR D 37 -6.85 -8.91 -24.73
N VAL D 38 -7.74 -8.40 -23.88
CA VAL D 38 -8.76 -7.45 -24.31
C VAL D 38 -8.51 -6.12 -23.58
N PRO D 39 -8.13 -5.07 -24.32
CA PRO D 39 -7.75 -3.80 -23.68
C PRO D 39 -8.89 -3.14 -22.96
N GLY D 40 -8.54 -2.27 -22.02
CA GLY D 40 -9.52 -1.42 -21.36
C GLY D 40 -10.27 -1.98 -20.18
N GLN D 41 -9.81 -3.08 -19.59
CA GLN D 41 -10.52 -3.59 -18.40
C GLN D 41 -9.63 -3.90 -17.22
N THR D 42 -8.61 -3.09 -17.05
CA THR D 42 -7.67 -3.32 -15.99
C THR D 42 -7.10 -2.00 -15.54
N GLN D 43 -6.94 -1.86 -14.22
CA GLN D 43 -6.27 -0.72 -13.66
C GLN D 43 -4.77 -0.68 -13.97
N ASN D 44 -4.13 -1.85 -14.00
CA ASN D 44 -2.68 -1.93 -14.19
C ASN D 44 -2.36 -3.06 -15.14
N LEU D 45 -1.36 -2.86 -16.00
CA LEU D 45 -0.96 -3.83 -16.99
C LEU D 45 0.51 -4.16 -16.84
N TYR D 46 0.88 -5.44 -16.85
CA TYR D 46 2.28 -5.87 -16.78
C TYR D 46 2.51 -6.81 -17.93
N VAL D 47 3.64 -6.64 -18.61
CA VAL D 47 3.99 -7.44 -19.75
C VAL D 47 5.21 -8.21 -19.39
N VAL D 48 5.12 -9.52 -19.54
CA VAL D 48 6.19 -10.39 -19.08
C VAL D 48 6.81 -11.16 -20.23
N GLY D 49 8.14 -11.10 -20.34
CA GLY D 49 8.89 -11.83 -21.36
C GLY D 49 9.03 -11.02 -22.64
N GLY D 50 10.05 -11.38 -23.44
CA GLY D 50 10.35 -10.71 -24.71
C GLY D 50 9.27 -10.86 -25.76
N GLY D 51 8.58 -12.01 -25.77
CA GLY D 51 7.59 -12.29 -26.80
C GLY D 51 6.39 -11.35 -26.76
N ALA D 52 5.88 -11.14 -25.56
CA ALA D 52 4.75 -10.24 -25.36
C ALA D 52 5.18 -8.77 -25.51
N CYS D 53 6.42 -8.48 -25.14
CA CYS D 53 7.01 -7.18 -25.32
C CYS D 53 6.78 -6.69 -26.73
N GLU D 54 7.22 -7.50 -27.69
CA GLU D 54 7.28 -7.07 -29.08
C GLU D 54 5.88 -6.86 -29.69
N LYS D 55 4.87 -7.48 -29.12
CA LYS D 55 3.54 -7.43 -29.68
C LYS D 55 2.55 -6.53 -28.97
N ILE D 56 2.90 -5.99 -27.81
CA ILE D 56 1.87 -5.32 -26.97
C ILE D 56 1.47 -3.92 -27.53
N SER D 57 2.45 -3.15 -28.00
CA SER D 57 2.18 -1.80 -28.49
C SER D 57 1.16 -1.81 -29.61
N SER D 58 1.30 -2.82 -30.47
CA SER D 58 0.39 -2.99 -31.60
C SER D 58 -0.97 -3.54 -31.19
N ILE D 59 -1.16 -3.85 -29.90
CA ILE D 59 -2.46 -4.32 -29.39
C ILE D 59 -3.19 -3.31 -28.50
N THR D 60 -2.45 -2.41 -27.86
CA THR D 60 -3.05 -1.47 -26.89
C THR D 60 -2.19 -0.21 -26.79
N LYS D 61 -2.86 0.89 -26.46
CA LYS D 61 -2.21 2.19 -26.19
C LYS D 61 -1.96 2.42 -24.69
N GLU D 62 -2.38 1.48 -23.85
CA GLU D 62 -2.23 1.57 -22.41
C GLU D 62 -0.75 1.58 -21.95
N LYS D 63 -0.51 2.26 -20.85
CA LYS D 63 0.77 2.21 -20.21
C LYS D 63 0.95 0.85 -19.50
N PHE D 64 2.18 0.38 -19.41
CA PHE D 64 2.43 -0.90 -18.74
C PHE D 64 3.85 -0.88 -18.22
N ILE D 65 4.17 -1.91 -17.46
CA ILE D 65 5.47 -2.15 -16.97
C ILE D 65 5.87 -3.42 -17.70
N MET D 66 7.17 -3.55 -17.93
N MET D 66 7.17 -3.53 -18.00
CA MET D 66 7.76 -4.68 -18.60
CA MET D 66 7.77 -4.70 -18.64
C MET D 66 8.62 -5.46 -17.64
C MET D 66 8.62 -5.46 -17.65
N ILE D 67 8.49 -6.78 -17.68
CA ILE D 67 9.32 -7.66 -16.91
C ILE D 67 9.93 -8.59 -17.95
N LYS D 68 11.18 -8.39 -18.31
CA LYS D 68 11.77 -9.21 -19.36
C LYS D 68 13.27 -9.32 -19.20
N GLY D 69 13.79 -10.53 -19.40
CA GLY D 69 15.23 -10.78 -19.46
C GLY D 69 15.65 -11.39 -20.81
N ASN D 70 16.91 -11.72 -20.89
CA ASN D 70 17.48 -12.32 -22.08
C ASN D 70 16.95 -13.70 -22.43
N ASP D 71 16.71 -14.49 -21.39
CA ASP D 71 16.18 -15.84 -21.50
C ASP D 71 15.20 -16.09 -20.35
N ARG D 72 14.63 -17.29 -20.36
CA ARG D 72 13.53 -17.59 -19.47
C ARG D 72 13.91 -17.44 -18.01
N PHE D 73 15.14 -17.83 -17.68
CA PHE D 73 15.60 -17.80 -16.32
C PHE D 73 15.81 -16.38 -15.87
N ASP D 74 16.39 -15.60 -16.75
CA ASP D 74 16.62 -14.20 -16.45
C ASP D 74 15.27 -13.50 -16.25
N THR D 75 14.28 -13.85 -17.06
CA THR D 75 12.98 -13.27 -16.92
C THR D 75 12.35 -13.70 -15.61
N LEU D 76 12.62 -14.94 -15.23
CA LEU D 76 12.05 -15.49 -14.00
C LEU D 76 12.68 -14.80 -12.83
N TYR D 77 13.97 -14.51 -12.91
CA TYR D 77 14.63 -13.82 -11.82
C TYR D 77 14.12 -12.39 -11.71
N LYS D 78 13.85 -11.76 -12.84
CA LYS D 78 13.29 -10.41 -12.82
C LYS D 78 11.89 -10.37 -12.26
N ALA D 79 11.12 -11.41 -12.50
CA ALA D 79 9.78 -11.48 -11.95
C ALA D 79 9.82 -11.64 -10.44
N LEU D 80 10.72 -12.47 -9.96
CA LEU D 80 10.93 -12.59 -8.52
C LEU D 80 11.39 -11.32 -7.91
N ASP D 81 12.40 -10.69 -8.51
CA ASP D 81 12.86 -9.38 -8.05
C ASP D 81 11.72 -8.37 -8.01
N PHE D 82 10.86 -8.38 -9.01
CA PHE D 82 9.81 -7.38 -9.13
C PHE D 82 8.86 -7.46 -7.97
N ILE D 83 8.66 -8.67 -7.46
CA ILE D 83 7.76 -8.85 -6.32
C ILE D 83 8.50 -9.02 -4.99
N ASN D 84 9.76 -8.58 -4.95
CA ASN D 84 10.55 -8.60 -3.71
C ASN D 84 10.71 -9.97 -3.12
N ARG D 85 11.02 -10.92 -3.97
CA ARG D 85 11.25 -12.32 -3.58
C ARG D 85 12.50 -12.82 -4.30
N MET E 1 12.74 -40.10 34.68
CA MET E 1 12.10 -39.69 33.40
C MET E 1 12.28 -38.19 33.17
N TYR E 2 11.37 -37.52 32.46
CA TYR E 2 11.55 -36.09 32.20
C TYR E 2 10.77 -35.31 33.22
N LYS E 3 11.41 -34.28 33.77
CA LYS E 3 10.68 -33.30 34.58
C LYS E 3 9.62 -32.50 33.79
N HIS E 4 10.00 -32.04 32.59
CA HIS E 4 9.10 -31.25 31.74
C HIS E 4 9.16 -31.68 30.30
N THR E 5 8.02 -31.88 29.68
CA THR E 5 8.03 -32.08 28.25
C THR E 5 7.24 -30.98 27.60
N ILE E 6 7.82 -30.40 26.58
CA ILE E 6 7.20 -29.30 25.86
C ILE E 6 6.99 -29.70 24.40
N VAL E 7 5.74 -29.61 23.98
CA VAL E 7 5.31 -30.15 22.74
C VAL E 7 4.85 -29.04 21.83
N TYR E 8 5.22 -29.13 20.57
CA TYR E 8 4.87 -28.09 19.60
C TYR E 8 4.50 -28.76 18.27
N ASP E 9 3.81 -28.05 17.41
CA ASP E 9 3.60 -28.55 16.04
C ASP E 9 4.25 -27.57 15.07
N GLY E 10 5.32 -27.99 14.41
CA GLY E 10 5.94 -27.22 13.33
C GLY E 10 7.11 -26.35 13.76
N GLU E 11 7.87 -25.88 12.77
CA GLU E 11 9.11 -25.13 12.99
C GLU E 11 8.90 -23.74 13.58
N VAL E 12 7.71 -23.20 13.43
CA VAL E 12 7.45 -21.88 13.97
C VAL E 12 7.26 -22.00 15.48
N ASP E 13 6.33 -22.87 15.90
CA ASP E 13 6.03 -23.00 17.33
C ASP E 13 7.16 -23.67 18.10
N LYS E 14 8.03 -24.34 17.40
CA LYS E 14 9.27 -24.82 18.00
C LYS E 14 10.02 -23.71 18.76
N ILE E 15 10.00 -22.50 18.21
CA ILE E 15 10.67 -21.38 18.84
C ILE E 15 10.07 -21.06 20.20
N SER E 16 8.76 -20.88 20.25
CA SER E 16 8.10 -20.65 21.50
C SER E 16 8.29 -21.78 22.48
N ALA E 17 8.24 -23.02 22.00
CA ALA E 17 8.46 -24.13 22.89
C ALA E 17 9.83 -24.09 23.51
N THR E 18 10.79 -23.69 22.71
CA THR E 18 12.20 -23.68 23.11
C THR E 18 12.44 -22.64 24.15
N VAL E 19 11.79 -21.48 23.99
CA VAL E 19 11.75 -20.45 24.99
C VAL E 19 11.12 -20.90 26.31
N VAL E 20 10.03 -21.63 26.24
CA VAL E 20 9.45 -22.17 27.44
C VAL E 20 10.48 -23.06 28.13
N GLY E 21 11.24 -23.81 27.34
CA GLY E 21 12.28 -24.68 27.86
C GLY E 21 13.40 -23.90 28.52
N TRP E 22 13.68 -22.69 28.04
CA TRP E 22 14.63 -21.81 28.72
C TRP E 22 14.20 -21.43 30.10
N GLY E 23 12.90 -21.28 30.33
CA GLY E 23 12.40 -20.90 31.66
C GLY E 23 12.23 -22.07 32.59
N TYR E 24 12.01 -23.25 32.03
CA TYR E 24 11.70 -24.45 32.82
C TYR E 24 12.89 -25.38 32.72
N ASN E 25 14.04 -24.85 33.12
CA ASN E 25 15.32 -25.55 32.90
C ASN E 25 15.85 -26.07 34.20
N ASP E 26 14.96 -26.56 35.06
CA ASP E 26 15.27 -26.97 36.40
C ASP E 26 15.25 -28.49 36.53
N GLY E 27 15.37 -29.20 35.40
CA GLY E 27 15.30 -30.65 35.40
C GLY E 27 15.60 -31.14 34.02
N LYS E 28 15.45 -32.43 33.80
CA LYS E 28 15.55 -32.98 32.45
C LYS E 28 14.30 -32.56 31.64
N ILE E 29 14.53 -31.94 30.48
CA ILE E 29 13.43 -31.53 29.71
C ILE E 29 13.54 -32.07 28.35
N LEU E 30 12.38 -32.17 27.73
CA LEU E 30 12.31 -32.61 26.36
C LEU E 30 11.43 -31.67 25.62
N ILE E 31 11.98 -31.10 24.56
CA ILE E 31 11.23 -30.32 23.59
C ILE E 31 11.04 -31.20 22.35
N CYS E 32 9.80 -31.52 22.04
CA CYS E 32 9.59 -32.29 20.84
C CYS E 32 8.33 -31.96 20.08
N ASP E 33 8.40 -32.16 18.77
CA ASP E 33 7.22 -32.07 17.94
C ASP E 33 6.16 -33.07 18.43
N ILE E 34 4.89 -32.69 18.33
CA ILE E 34 3.79 -33.51 18.81
C ILE E 34 3.65 -34.87 18.14
N LYS E 35 4.03 -34.96 16.88
CA LYS E 35 4.08 -36.24 16.17
C LYS E 35 4.94 -37.28 16.89
N ASP E 36 5.89 -36.82 17.70
CA ASP E 36 6.89 -37.66 18.36
C ASP E 36 6.68 -37.78 19.86
N TYR E 37 5.58 -37.24 20.34
CA TYR E 37 5.26 -37.32 21.71
C TYR E 37 4.90 -38.76 22.19
N VAL E 38 5.66 -39.27 23.14
CA VAL E 38 5.44 -40.57 23.76
C VAL E 38 4.82 -40.38 25.15
N PRO E 39 3.50 -40.59 25.30
CA PRO E 39 2.89 -40.34 26.59
C PRO E 39 3.50 -41.22 27.68
N GLY E 40 3.34 -40.82 28.92
CA GLY E 40 3.76 -41.64 30.05
C GLY E 40 5.17 -41.47 30.59
N GLN E 41 5.98 -40.57 30.06
CA GLN E 41 7.35 -40.43 30.56
C GLN E 41 7.72 -39.02 31.02
N THR E 42 6.78 -38.26 31.57
CA THR E 42 7.08 -36.91 31.95
C THR E 42 6.29 -36.56 33.17
N GLN E 43 6.84 -35.75 34.08
CA GLN E 43 6.07 -35.32 35.26
C GLN E 43 5.11 -34.20 34.88
N ASN E 44 5.52 -33.34 33.94
CA ASN E 44 4.72 -32.21 33.43
C ASN E 44 4.76 -32.15 31.91
N LEU E 45 3.64 -31.73 31.33
CA LEU E 45 3.45 -31.63 29.89
C LEU E 45 2.94 -30.23 29.55
N TYR E 46 3.63 -29.53 28.65
CA TYR E 46 3.18 -28.21 28.27
C TYR E 46 3.01 -28.23 26.78
N VAL E 47 1.94 -27.64 26.30
CA VAL E 47 1.61 -27.74 24.90
C VAL E 47 1.59 -26.34 24.34
N VAL E 48 2.42 -26.13 23.33
CA VAL E 48 2.71 -24.81 22.84
C VAL E 48 2.21 -24.60 21.43
N GLY E 49 1.48 -23.51 21.26
CA GLY E 49 1.01 -23.12 19.91
C GLY E 49 -0.27 -23.80 19.48
N GLY E 50 -0.96 -23.16 18.54
CA GLY E 50 -2.32 -23.60 18.13
C GLY E 50 -2.36 -25.00 17.55
N GLY E 51 -1.45 -25.31 16.63
CA GLY E 51 -1.43 -26.62 16.03
C GLY E 51 -1.42 -27.69 17.12
N ALA E 52 -0.50 -27.60 18.08
CA ALA E 52 -0.30 -28.70 19.01
C ALA E 52 -1.51 -28.77 19.93
N CYS E 53 -2.03 -27.61 20.24
CA CYS E 53 -3.13 -27.54 21.19
C CYS E 53 -4.39 -28.18 20.58
N GLU E 54 -4.54 -28.13 19.25
CA GLU E 54 -5.63 -28.85 18.58
C GLU E 54 -5.46 -30.38 18.54
N LYS E 55 -4.23 -30.88 18.40
CA LYS E 55 -3.98 -32.34 18.26
C LYS E 55 -3.78 -33.11 19.54
N ILE E 56 -3.67 -32.44 20.70
CA ILE E 56 -3.10 -33.10 21.89
C ILE E 56 -4.11 -33.99 22.64
N SER E 57 -5.36 -33.56 22.74
CA SER E 57 -6.42 -34.37 23.39
C SER E 57 -6.65 -35.70 22.71
N SER E 58 -6.39 -35.76 21.41
CA SER E 58 -6.58 -36.96 20.62
C SER E 58 -5.40 -37.94 20.67
N ILE E 59 -4.38 -37.67 21.47
CA ILE E 59 -3.24 -38.58 21.54
C ILE E 59 -2.79 -38.91 22.96
N THR E 60 -3.25 -38.13 23.94
CA THR E 60 -3.02 -38.45 25.33
C THR E 60 -4.17 -38.01 26.21
N LYS E 61 -4.33 -38.69 27.34
CA LYS E 61 -5.29 -38.33 28.40
C LYS E 61 -4.62 -37.70 29.60
N GLU E 62 -3.30 -37.57 29.55
CA GLU E 62 -2.58 -37.00 30.68
C GLU E 62 -2.85 -35.49 30.71
N LYS E 63 -2.87 -34.94 31.92
CA LYS E 63 -3.07 -33.51 32.10
C LYS E 63 -1.94 -32.69 31.43
N PHE E 64 -2.25 -31.50 30.95
CA PHE E 64 -1.25 -30.62 30.40
C PHE E 64 -1.69 -29.17 30.52
N ILE E 65 -0.77 -28.27 30.23
CA ILE E 65 -1.02 -26.85 30.20
C ILE E 65 -0.84 -26.37 28.76
N MET E 66 -1.78 -25.56 28.27
CA MET E 66 -1.73 -25.02 26.93
C MET E 66 -1.19 -23.61 26.91
N ILE E 67 -0.29 -23.36 25.98
CA ILE E 67 0.27 -22.05 25.80
C ILE E 67 0.05 -21.75 24.33
N LYS E 68 -0.97 -20.96 24.07
CA LYS E 68 -1.31 -20.65 22.71
C LYS E 68 -1.91 -19.26 22.59
N GLY E 69 -1.52 -18.57 21.52
CA GLY E 69 -2.03 -17.26 21.22
C GLY E 69 -2.63 -17.29 19.83
N ASN E 70 -2.95 -16.12 19.32
CA ASN E 70 -3.57 -15.98 18.00
C ASN E 70 -2.63 -16.20 16.83
N ASP E 71 -1.38 -15.82 17.02
CA ASP E 71 -0.37 -15.90 15.98
C ASP E 71 0.91 -16.24 16.67
N ARG E 72 1.97 -16.41 15.89
CA ARG E 72 3.26 -16.81 16.44
C ARG E 72 3.77 -15.92 17.55
N PHE E 73 3.57 -14.61 17.40
CA PHE E 73 4.05 -13.62 18.33
C PHE E 73 3.28 -13.65 19.62
N ASP E 74 1.97 -13.73 19.50
CA ASP E 74 1.11 -13.83 20.65
C ASP E 74 1.47 -15.09 21.44
N THR E 75 1.84 -16.16 20.73
CA THR E 75 2.15 -17.42 21.39
C THR E 75 3.47 -17.29 22.16
N LEU E 76 4.41 -16.60 21.53
CA LEU E 76 5.69 -16.30 22.12
C LEU E 76 5.53 -15.44 23.35
N TYR E 77 4.72 -14.39 23.29
CA TYR E 77 4.51 -13.58 24.47
C TYR E 77 3.88 -14.33 25.60
N LYS E 78 2.94 -15.20 25.27
CA LYS E 78 2.37 -16.06 26.30
C LYS E 78 3.39 -17.06 26.84
N ALA E 79 4.29 -17.55 26.01
CA ALA E 79 5.37 -18.38 26.52
C ALA E 79 6.15 -17.62 27.55
N LEU E 80 6.53 -16.40 27.20
CA LEU E 80 7.28 -15.54 28.13
C LEU E 80 6.51 -15.32 29.47
N ASP E 81 5.20 -15.06 29.39
CA ASP E 81 4.39 -14.92 30.63
C ASP E 81 4.35 -16.19 31.42
N PHE E 82 4.26 -17.29 30.72
CA PHE E 82 4.16 -18.56 31.37
C PHE E 82 5.40 -18.82 32.25
N ILE E 83 6.57 -18.38 31.78
CA ILE E 83 7.79 -18.62 32.54
C ILE E 83 8.07 -17.60 33.64
N ASN E 84 7.38 -16.47 33.65
CA ASN E 84 7.71 -15.31 34.52
C ASN E 84 9.12 -14.80 34.34
N ARG E 85 9.62 -14.74 33.10
CA ARG E 85 11.08 -14.58 32.82
C ARG E 85 11.93 -15.65 33.53
N MET F 1 -3.08 -12.80 33.58
CA MET F 1 -3.41 -12.63 32.13
C MET F 1 -2.42 -11.71 31.43
N TYR F 2 -2.26 -10.46 31.86
CA TYR F 2 -1.28 -9.59 31.22
C TYR F 2 -0.10 -9.27 32.12
N LYS F 3 1.08 -9.14 31.52
CA LYS F 3 2.23 -8.69 32.28
C LYS F 3 2.19 -7.18 32.47
N HIS F 4 1.80 -6.45 31.44
CA HIS F 4 1.81 -4.97 31.50
C HIS F 4 0.49 -4.48 30.96
N THR F 5 -0.20 -3.63 31.70
CA THR F 5 -1.36 -2.97 31.13
C THR F 5 -1.17 -1.49 31.17
N ILE F 6 -1.38 -0.82 30.05
CA ILE F 6 -1.13 0.61 29.95
C ILE F 6 -2.47 1.24 29.60
N VAL F 7 -2.95 2.11 30.47
CA VAL F 7 -4.27 2.72 30.37
C VAL F 7 -4.15 4.21 30.01
N TYR F 8 -5.10 4.68 29.24
CA TYR F 8 -5.14 6.05 28.81
C TYR F 8 -6.61 6.49 28.73
N ASP F 9 -6.84 7.79 28.57
CA ASP F 9 -8.19 8.30 28.38
C ASP F 9 -8.17 9.21 27.15
N GLY F 10 -8.82 8.80 26.10
CA GLY F 10 -8.89 9.66 24.91
C GLY F 10 -7.87 9.29 23.83
N GLU F 11 -8.15 9.71 22.61
CA GLU F 11 -7.34 9.37 21.44
C GLU F 11 -6.00 10.08 21.40
N VAL F 12 -5.84 11.15 22.18
CA VAL F 12 -4.58 11.86 22.25
C VAL F 12 -3.61 11.09 23.11
N ASP F 13 -4.01 10.76 24.33
CA ASP F 13 -3.16 10.07 25.27
C ASP F 13 -2.90 8.61 24.91
N LYS F 14 -3.76 8.06 24.10
CA LYS F 14 -3.52 6.78 23.43
C LYS F 14 -2.16 6.70 22.72
N ILE F 15 -1.78 7.79 22.08
CA ILE F 15 -0.49 7.79 21.46
C ILE F 15 0.62 7.52 22.43
N SER F 16 0.69 8.33 23.50
CA SER F 16 1.66 8.13 24.53
C SER F 16 1.60 6.76 25.18
N ALA F 17 0.39 6.24 25.37
CA ALA F 17 0.23 4.93 25.98
C ALA F 17 0.84 3.87 25.10
N THR F 18 0.64 4.04 23.80
CA THR F 18 1.14 3.10 22.81
C THR F 18 2.69 3.11 22.80
N VAL F 19 3.26 4.29 22.88
CA VAL F 19 4.71 4.39 22.95
C VAL F 19 5.29 3.78 24.26
N VAL F 20 4.61 3.90 25.38
CA VAL F 20 5.07 3.18 26.57
C VAL F 20 5.10 1.68 26.30
N GLY F 21 4.10 1.16 25.63
CA GLY F 21 4.14 -0.25 25.26
C GLY F 21 5.21 -0.68 24.29
N TRP F 22 5.72 0.25 23.48
CA TRP F 22 6.87 -0.04 22.65
C TRP F 22 8.11 -0.30 23.47
N GLY F 23 8.07 0.05 24.74
CA GLY F 23 9.24 -0.17 25.61
C GLY F 23 9.31 -1.59 26.19
N TYR F 24 8.32 -2.43 25.92
CA TYR F 24 8.25 -3.71 26.59
C TYR F 24 8.07 -4.79 25.55
N ASN F 25 8.88 -5.85 25.64
CA ASN F 25 8.70 -7.01 24.80
C ASN F 25 8.91 -8.28 25.61
N ASP F 26 8.57 -8.27 26.87
CA ASP F 26 8.92 -9.40 27.72
C ASP F 26 7.73 -10.16 28.20
N GLY F 27 6.60 -9.96 27.55
CA GLY F 27 5.38 -10.53 28.06
C GLY F 27 4.18 -9.95 27.36
N LYS F 28 2.99 -10.45 27.71
CA LYS F 28 1.80 -9.90 27.11
C LYS F 28 1.41 -8.52 27.65
N ILE F 29 1.06 -7.63 26.74
CA ILE F 29 0.83 -6.22 27.05
C ILE F 29 -0.53 -5.84 26.50
N LEU F 30 -1.26 -5.08 27.30
CA LEU F 30 -2.55 -4.55 26.89
C LEU F 30 -2.53 -3.03 26.98
N ILE F 31 -2.82 -2.36 25.88
CA ILE F 31 -2.99 -0.92 25.86
C ILE F 31 -4.48 -0.66 25.77
N CYS F 32 -5.10 -0.08 26.76
CA CYS F 32 -6.53 0.13 26.57
C CYS F 32 -7.05 1.35 27.24
N ASP F 33 -8.13 1.88 26.68
CA ASP F 33 -8.78 3.08 27.23
C ASP F 33 -9.27 2.74 28.62
N ILE F 34 -9.22 3.72 29.51
CA ILE F 34 -9.66 3.53 30.88
C ILE F 34 -11.11 3.02 30.95
N LYS F 35 -11.93 3.42 29.99
CA LYS F 35 -13.29 2.98 29.98
C LYS F 35 -13.43 1.47 29.72
N ASP F 36 -12.37 0.81 29.24
CA ASP F 36 -12.44 -0.62 28.99
C ASP F 36 -11.56 -1.43 29.90
N TYR F 37 -10.98 -0.78 30.89
CA TYR F 37 -10.03 -1.39 31.78
C TYR F 37 -10.80 -2.31 32.70
N VAL F 38 -10.36 -3.56 32.78
CA VAL F 38 -10.85 -4.55 33.69
C VAL F 38 -9.78 -4.79 34.76
N PRO F 39 -10.02 -4.33 35.98
CA PRO F 39 -9.06 -4.57 37.05
C PRO F 39 -8.78 -6.03 37.33
N GLY F 40 -7.59 -6.31 37.83
CA GLY F 40 -7.27 -7.56 38.50
C GLY F 40 -6.66 -8.60 37.60
N GLN F 41 -6.25 -8.22 36.40
CA GLN F 41 -5.72 -9.21 35.48
C GLN F 41 -4.42 -8.78 34.85
N THR F 42 -3.65 -7.96 35.57
CA THR F 42 -2.35 -7.50 35.12
C THR F 42 -1.31 -7.55 36.26
N GLN F 43 -0.05 -7.83 35.92
CA GLN F 43 1.04 -7.74 36.95
C GLN F 43 1.46 -6.32 37.17
N ASN F 44 1.57 -5.54 36.10
CA ASN F 44 1.94 -4.12 36.18
C ASN F 44 0.91 -3.24 35.48
N LEU F 45 0.63 -2.07 36.06
CA LEU F 45 -0.36 -1.16 35.56
C LEU F 45 0.30 0.16 35.42
N TYR F 46 0.20 0.77 34.25
CA TYR F 46 0.80 2.08 33.99
C TYR F 46 -0.31 2.92 33.50
N VAL F 47 -0.36 4.16 33.94
CA VAL F 47 -1.47 5.07 33.65
C VAL F 47 -0.84 6.29 33.02
N VAL F 48 -1.32 6.61 31.83
CA VAL F 48 -0.72 7.58 30.98
C VAL F 48 -1.67 8.70 30.68
N GLY F 49 -1.17 9.91 30.91
CA GLY F 49 -1.88 11.15 30.60
C GLY F 49 -2.75 11.59 31.76
N GLY F 50 -3.00 12.90 31.82
CA GLY F 50 -3.73 13.49 32.95
C GLY F 50 -5.09 12.92 33.17
N GLY F 51 -5.86 12.76 32.09
CA GLY F 51 -7.20 12.19 32.23
C GLY F 51 -7.20 10.83 32.95
N ALA F 52 -6.44 9.88 32.45
CA ALA F 52 -6.49 8.55 33.03
C ALA F 52 -5.98 8.60 34.45
N CYS F 53 -4.97 9.45 34.73
CA CYS F 53 -4.42 9.58 36.08
C CYS F 53 -5.39 10.16 37.11
N GLU F 54 -6.35 10.97 36.67
CA GLU F 54 -7.34 11.46 37.62
C GLU F 54 -8.44 10.42 37.91
N LYS F 55 -8.85 9.65 36.89
CA LYS F 55 -9.93 8.64 37.04
C LYS F 55 -9.55 7.23 37.57
N ILE F 56 -8.28 6.87 37.56
CA ILE F 56 -7.89 5.48 37.80
C ILE F 56 -8.13 4.93 39.22
N SER F 57 -7.88 5.78 40.22
CA SER F 57 -8.08 5.40 41.62
C SER F 57 -9.53 5.11 41.96
N SER F 58 -10.45 5.67 41.19
CA SER F 58 -11.89 5.39 41.37
C SER F 58 -12.31 4.12 40.63
N ILE F 59 -11.44 3.58 39.80
CA ILE F 59 -11.76 2.38 39.04
C ILE F 59 -11.06 1.15 39.60
N THR F 60 -9.89 1.34 40.21
CA THR F 60 -9.18 0.16 40.73
C THR F 60 -8.38 0.46 42.00
N LYS F 61 -8.15 -0.59 42.77
CA LYS F 61 -7.33 -0.54 43.96
C LYS F 61 -5.88 -1.03 43.73
N GLU F 62 -5.58 -1.46 42.49
CA GLU F 62 -4.23 -1.88 42.08
C GLU F 62 -3.27 -0.73 42.20
N LYS F 63 -2.02 -1.06 42.49
CA LYS F 63 -0.95 -0.06 42.51
C LYS F 63 -0.65 0.26 41.04
N PHE F 64 -0.12 1.44 40.77
CA PHE F 64 0.20 1.83 39.42
C PHE F 64 1.28 2.87 39.36
N ILE F 65 1.79 3.07 38.17
CA ILE F 65 2.83 4.05 37.92
C ILE F 65 2.15 5.06 37.06
N MET F 66 2.25 6.34 37.39
CA MET F 66 1.67 7.41 36.58
C MET F 66 2.71 7.99 35.61
N ILE F 67 2.29 8.20 34.37
CA ILE F 67 3.09 8.89 33.34
C ILE F 67 2.26 10.03 32.75
N LYS F 68 2.65 11.25 33.07
CA LYS F 68 1.77 12.41 32.89
C LYS F 68 2.64 13.64 32.74
N GLY F 69 2.36 14.45 31.73
CA GLY F 69 2.90 15.80 31.66
C GLY F 69 1.80 16.83 31.61
N ASN F 70 2.19 18.06 31.33
CA ASN F 70 1.27 19.20 31.32
C ASN F 70 0.41 19.26 30.11
N ASP F 71 0.94 18.79 28.98
CA ASP F 71 0.21 18.77 27.72
C ASP F 71 0.54 17.46 27.02
N ARG F 72 -0.04 17.25 25.84
CA ARG F 72 0.14 16.00 25.10
C ARG F 72 1.61 15.72 24.73
N PHE F 73 2.36 16.80 24.45
CA PHE F 73 3.76 16.67 24.09
C PHE F 73 4.62 16.29 25.27
N ASP F 74 4.48 17.03 26.36
CA ASP F 74 5.17 16.71 27.59
C ASP F 74 4.89 15.27 28.01
N THR F 75 3.65 14.81 27.81
CA THR F 75 3.31 13.45 28.23
C THR F 75 4.10 12.48 27.37
N LEU F 76 4.15 12.77 26.09
CA LEU F 76 4.83 11.95 25.17
C LEU F 76 6.32 11.87 25.50
N TYR F 77 6.97 12.99 25.80
CA TYR F 77 8.35 12.96 26.26
C TYR F 77 8.56 12.22 27.55
N LYS F 78 7.66 12.40 28.51
CA LYS F 78 7.75 11.59 29.70
C LYS F 78 7.59 10.09 29.45
N ALA F 79 6.67 9.72 28.56
CA ALA F 79 6.58 8.33 28.15
C ALA F 79 7.90 7.81 27.60
N LEU F 80 8.48 8.54 26.66
CA LEU F 80 9.78 8.16 26.12
C LEU F 80 10.86 8.03 27.16
N ASP F 81 10.95 9.01 28.06
CA ASP F 81 11.88 8.94 29.18
C ASP F 81 11.65 7.71 30.07
N PHE F 82 10.39 7.39 30.34
CA PHE F 82 10.05 6.26 31.21
C PHE F 82 10.58 4.96 30.68
N ILE F 83 10.57 4.79 29.36
CA ILE F 83 11.10 3.58 28.76
C ILE F 83 12.55 3.74 28.29
N ASN F 84 13.25 4.77 28.76
CA ASN F 84 14.66 4.99 28.43
C ASN F 84 14.91 5.13 26.97
N ARG F 85 14.02 5.75 26.24
CA ARG F 85 14.20 6.02 24.83
C ARG F 85 14.15 7.54 24.58
#